data_7LCV
#
_entry.id   7LCV
#
_cell.length_a   39.470
_cell.length_b   52.370
_cell.length_c   84.560
_cell.angle_alpha   73.781
_cell.angle_beta   84.482
_cell.angle_gamma   74.173
#
_symmetry.space_group_name_H-M   'P 1'
#
loop_
_entity.id
_entity.type
_entity.pdbx_description
1 polymer 'Immunoglobulin heavy chain Fd fragment'
2 polymer 'Immunoglobulin kappa light chain'
3 polymer 'Factor H binding protein'
4 non-polymer 'CHLORIDE ION'
5 water water
#
loop_
_entity_poly.entity_id
_entity_poly.type
_entity_poly.pdbx_seq_one_letter_code
_entity_poly.pdbx_strand_id
1 'polypeptide(L)'
;EVQLVESGGGLVQPGGSLRLSCAASGFTFSSYAMSWVRQAPGKGLEWVSAISGSGGSSHYTDSVKGRFTISRDNSKNTLW
LQMNSLRAEDTAIYYCAKTSGSYYYHYEIDVWGQGTTVTVSSASTKGPSVFPLAPSSKSTSGGTAALGCLVKDYFPEPVT
VSWNSGALTSGVHTFPAVLQSSGLYSLSSVVTVPSSSLGTQTYICNVNHKPSNTKVDKKVEPKSCDK
;
A
2 'polypeptide(L)'
;AEIVLTQSPGTLSLSPGERATLSCRASQSVSSSYLAWYQQKPGQAPRLLIYGTSNRATGIPDRFSGSGSGTDFTLTVSRL
EPEDFAVYYCQQYGSSPCSFGQGTKLELKRTVAAPSVFIFPPSDEQLKSGTASVVCLLNNFYPREAKVQWKVDNALQSGN
SQESVTEQDSKDSTYSLSSTLTLSKADYEKHKVYACEVTHQGLSSPVTKSFNRGECS
;
B
3 'polypeptide(L)'
;CSSGGGGVAADIGAGLADALTAPLDHKDKGLQSLTLDQSVRKNEKLKLAAQGAEKTYGNGDSLNTGKLKNDKVSRFDFIR
QIEVDGQLITLESGEFQVYKQSHSALTAFQTEQIQDSEHSGKMVAKRQFRIGDIAGEHTSFDKLPEGGRATYRGTAFGSD
DAGGKLTYTIDFAAKQGNGKIEHLKSPELNVDLAAADIKPDGKRHAVISGSVLYNQAEKGSYSLGIFGGKAQEVAGSAEV
KTVNGIRHIGLAAKQLEHHHHHH
;
C
#
loop_
_chem_comp.id
_chem_comp.type
_chem_comp.name
_chem_comp.formula
CL non-polymer 'CHLORIDE ION' 'Cl -1'
#
# COMPACT_ATOMS: atom_id res chain seq x y z
N GLU A 1 -1.01 12.41 15.14
CA GLU A 1 -1.46 10.98 15.11
C GLU A 1 -0.79 10.33 13.89
N VAL A 2 -1.06 9.06 13.61
CA VAL A 2 -0.48 8.37 12.40
C VAL A 2 -1.08 9.07 11.18
N GLN A 3 -0.26 9.85 10.46
CA GLN A 3 -0.75 10.61 9.31
C GLN A 3 0.12 10.44 8.09
N LEU A 4 -0.52 10.44 6.94
CA LEU A 4 0.19 10.20 5.68
C LEU A 4 -0.34 11.29 4.76
N VAL A 5 0.56 12.18 4.37
CA VAL A 5 0.15 13.33 3.51
C VAL A 5 0.80 13.31 2.15
N GLU A 6 0.04 12.95 1.10
CA GLU A 6 0.56 12.90 -0.26
C GLU A 6 0.62 14.30 -0.88
N SER A 7 1.61 14.53 -1.70
CA SER A 7 1.70 15.77 -2.49
C SER A 7 2.40 15.41 -3.80
N GLY A 8 2.39 16.32 -4.74
CA GLY A 8 3.13 16.15 -5.99
C GLY A 8 2.33 15.73 -7.17
N GLY A 9 1.06 15.41 -6.95
CA GLY A 9 0.21 15.04 -8.09
C GLY A 9 -0.13 16.27 -8.89
N GLY A 10 -0.57 16.03 -10.13
CA GLY A 10 -1.12 17.14 -10.90
C GLY A 10 -1.33 16.71 -12.29
N LEU A 11 -1.35 17.65 -13.22
CA LEU A 11 -1.63 17.30 -14.62
C LEU A 11 -0.34 17.29 -15.43
N VAL A 12 -0.10 16.23 -16.15
CA VAL A 12 1.03 16.18 -17.12
C VAL A 12 0.46 15.74 -18.43
N GLN A 13 1.27 15.67 -19.51
CA GLN A 13 0.87 15.10 -20.80
C GLN A 13 1.50 13.72 -20.95
N PRO A 14 1.02 12.87 -21.86
CA PRO A 14 1.67 11.58 -22.12
C PRO A 14 3.18 11.70 -22.26
N GLY A 15 3.93 10.68 -21.85
CA GLY A 15 5.40 10.78 -21.74
C GLY A 15 5.92 11.60 -20.58
N GLY A 16 5.10 12.37 -19.87
CA GLY A 16 5.63 13.32 -18.86
C GLY A 16 6.01 12.67 -17.53
N SER A 17 6.27 13.47 -16.50
CA SER A 17 6.83 12.90 -15.25
C SER A 17 6.31 13.65 -14.03
N LEU A 18 6.09 12.96 -12.93
CA LEU A 18 5.60 13.54 -11.66
C LEU A 18 6.35 12.83 -10.56
N ARG A 19 6.63 13.50 -9.49
CA ARG A 19 7.34 12.94 -8.31
C ARG A 19 6.39 13.05 -7.13
N LEU A 20 5.66 11.97 -6.87
CA LEU A 20 4.77 11.91 -5.68
C LEU A 20 5.61 11.95 -4.43
N SER A 21 5.15 12.65 -3.44
CA SER A 21 5.79 12.65 -2.13
C SER A 21 4.73 12.20 -1.17
N CYS A 22 5.16 11.56 -0.15
CA CYS A 22 4.14 11.18 1.04
C CYS A 22 4.98 11.52 2.45
N ALA A 23 4.48 12.52 3.20
CA ALA A 23 5.07 12.94 4.50
C ALA A 23 4.44 12.12 5.64
N ALA A 24 5.18 11.21 6.27
CA ALA A 24 4.72 10.29 7.30
C ALA A 24 4.90 10.97 8.66
N SER A 25 3.96 10.78 9.54
CA SER A 25 4.07 11.28 10.92
C SER A 25 3.34 10.34 11.86
N GLY A 26 3.80 10.23 13.09
CA GLY A 26 3.02 9.54 14.14
C GLY A 26 3.38 8.14 14.41
N PHE A 27 4.41 7.65 13.72
CA PHE A 27 4.87 6.27 13.94
C PHE A 27 6.36 6.22 13.63
N THR A 28 6.96 5.07 13.96
CA THR A 28 8.36 4.84 13.65
C THR A 28 8.45 4.41 12.19
N PHE A 29 8.76 5.39 11.34
CA PHE A 29 8.64 5.21 9.90
C PHE A 29 9.42 3.97 9.46
N SER A 30 10.67 3.85 9.88
CA SER A 30 11.57 2.87 9.28
C SER A 30 11.16 1.45 9.60
N SER A 31 10.28 1.27 10.56
CA SER A 31 9.87 -0.07 10.95
C SER A 31 8.80 -0.67 10.06
N TYR A 32 8.29 0.05 9.04
CA TYR A 32 7.10 -0.38 8.30
C TYR A 32 7.33 -0.29 6.80
N ALA A 33 6.98 -1.35 6.08
CA ALA A 33 6.90 -1.23 4.63
C ALA A 33 5.82 -0.21 4.28
N MET A 34 6.02 0.46 3.15
CA MET A 34 5.07 1.46 2.65
C MET A 34 4.75 1.07 1.20
N SER A 35 3.59 1.50 0.73
CA SER A 35 3.12 1.19 -0.62
C SER A 35 2.37 2.38 -1.18
N TRP A 36 2.23 2.35 -2.50
CA TRP A 36 1.37 3.22 -3.27
C TRP A 36 0.29 2.33 -3.85
N VAL A 37 -0.96 2.80 -3.76
CA VAL A 37 -2.12 2.15 -4.32
C VAL A 37 -2.90 3.21 -5.07
N ARG A 38 -3.39 2.84 -6.25
CA ARG A 38 -4.12 3.82 -7.04
C ARG A 38 -5.53 3.35 -7.39
N GLN A 39 -6.33 4.34 -7.78
CA GLN A 39 -7.76 4.20 -8.06
C GLN A 39 -8.13 5.05 -9.27
N ALA A 40 -8.29 4.40 -10.42
CA ALA A 40 -8.72 5.09 -11.63
C ALA A 40 -10.17 5.51 -11.48
N PRO A 41 -10.55 6.63 -12.08
CA PRO A 41 -11.92 7.14 -11.88
C PRO A 41 -12.98 6.06 -12.04
N GLY A 42 -13.78 5.89 -11.00
CA GLY A 42 -14.90 4.98 -11.01
C GLY A 42 -14.56 3.50 -10.99
N LYS A 43 -13.28 3.14 -10.83
CA LYS A 43 -12.84 1.75 -10.83
C LYS A 43 -12.39 1.34 -9.42
N GLY A 44 -11.83 0.15 -9.33
CA GLY A 44 -11.37 -0.37 -8.06
C GLY A 44 -9.95 0.05 -7.71
N LEU A 45 -9.52 -0.48 -6.57
CA LEU A 45 -8.19 -0.23 -6.05
C LEU A 45 -7.21 -1.14 -6.76
N GLU A 46 -6.08 -0.56 -7.19
CA GLU A 46 -5.02 -1.31 -7.86
C GLU A 46 -3.71 -1.08 -7.12
N TRP A 47 -3.12 -2.15 -6.64
CA TRP A 47 -1.80 -2.07 -6.02
C TRP A 47 -0.75 -1.66 -7.05
N VAL A 48 0.01 -0.62 -6.72
CA VAL A 48 1.10 -0.16 -7.61
C VAL A 48 2.48 -0.65 -7.22
N SER A 49 2.93 -0.35 -6.01
CA SER A 49 4.32 -0.64 -5.64
C SER A 49 4.45 -0.64 -4.12
N ALA A 50 5.51 -1.30 -3.64
CA ALA A 50 5.81 -1.35 -2.23
C ALA A 50 7.31 -1.47 -2.01
N ILE A 51 7.74 -0.99 -0.85
CA ILE A 51 9.14 -0.88 -0.47
C ILE A 51 9.20 -1.23 1.02
N SER A 52 10.20 -2.05 1.37
CA SER A 52 10.40 -2.50 2.74
C SER A 52 10.73 -1.34 3.69
N GLY A 53 10.52 -1.58 4.99
CA GLY A 53 10.85 -0.59 6.02
C GLY A 53 12.27 -0.04 5.90
N SER A 54 13.28 -0.90 5.65
CA SER A 54 14.69 -0.50 5.53
C SER A 54 15.01 0.24 4.24
N GLY A 55 14.17 0.11 3.22
CA GLY A 55 14.41 0.58 1.87
C GLY A 55 15.22 -0.37 1.01
N GLY A 56 15.52 -1.58 1.49
CA GLY A 56 16.40 -2.47 0.75
C GLY A 56 15.76 -3.38 -0.27
N SER A 57 14.45 -3.50 -0.28
CA SER A 57 13.71 -4.35 -1.24
C SER A 57 12.53 -3.57 -1.80
N SER A 58 12.13 -3.81 -3.03
CA SER A 58 11.04 -3.06 -3.70
C SER A 58 10.36 -4.01 -4.68
N HIS A 59 9.09 -3.82 -4.97
CA HIS A 59 8.41 -4.58 -6.05
C HIS A 59 7.34 -3.73 -6.67
N TYR A 60 6.93 -4.05 -7.90
CA TYR A 60 5.99 -3.23 -8.67
C TYR A 60 5.04 -4.10 -9.49
N THR A 61 3.80 -3.66 -9.71
CA THR A 61 2.89 -4.31 -10.68
C THR A 61 3.61 -4.22 -12.01
N ASP A 62 3.49 -5.20 -12.90
CA ASP A 62 4.28 -5.24 -14.16
C ASP A 62 3.91 -3.98 -14.97
N SER A 63 2.67 -3.52 -14.93
CA SER A 63 2.17 -2.27 -15.58
C SER A 63 3.16 -1.12 -15.52
N VAL A 64 3.79 -0.91 -14.35
CA VAL A 64 4.77 0.18 -14.09
C VAL A 64 6.18 -0.34 -13.86
N LYS A 65 6.49 -1.64 -13.88
CA LYS A 65 7.89 -2.14 -13.81
C LYS A 65 8.64 -1.43 -14.96
N GLY A 66 9.75 -0.70 -14.67
CA GLY A 66 10.60 0.04 -15.62
C GLY A 66 10.26 1.52 -15.67
N ARG A 67 9.00 1.89 -15.48
CA ARG A 67 8.54 3.28 -15.58
C ARG A 67 8.54 3.96 -14.22
N PHE A 68 8.05 3.28 -13.16
CA PHE A 68 7.94 3.89 -11.82
C PHE A 68 9.10 3.47 -10.90
N THR A 69 9.53 4.34 -9.98
CA THR A 69 10.60 4.06 -9.00
C THR A 69 10.16 4.43 -7.58
N ILE A 70 9.92 3.49 -6.70
CA ILE A 70 9.59 3.85 -5.29
C ILE A 70 10.88 4.05 -4.52
N SER A 71 10.88 4.93 -3.51
CA SER A 71 12.04 5.12 -2.62
C SER A 71 11.59 5.74 -1.33
N ARG A 72 12.47 5.88 -0.34
CA ARG A 72 12.06 6.55 0.89
C ARG A 72 13.26 7.21 1.54
N ASP A 73 13.01 7.99 2.55
CA ASP A 73 14.05 8.69 3.32
C ASP A 73 13.74 8.46 4.79
N ASN A 74 14.34 7.46 5.45
CA ASN A 74 13.95 7.12 6.84
C ASN A 74 14.43 8.21 7.79
N SER A 75 15.33 9.11 7.36
CA SER A 75 15.81 10.25 8.17
C SER A 75 14.79 11.37 8.15
N LYS A 76 13.98 11.51 7.08
CA LYS A 76 13.05 12.61 6.92
C LYS A 76 11.61 12.13 6.86
N ASN A 77 11.35 10.84 7.11
CA ASN A 77 9.97 10.33 7.21
C ASN A 77 9.20 10.57 5.92
N THR A 78 9.85 10.30 4.78
CA THR A 78 9.29 10.61 3.48
C THR A 78 9.32 9.37 2.59
N LEU A 79 8.22 9.17 1.86
CA LEU A 79 8.08 8.16 0.82
C LEU A 79 7.90 8.89 -0.50
N TRP A 80 8.49 8.33 -1.56
CA TRP A 80 8.41 8.90 -2.88
C TRP A 80 7.93 7.85 -3.89
N LEU A 81 7.29 8.35 -4.95
CA LEU A 81 7.03 7.57 -6.15
C LEU A 81 7.42 8.45 -7.34
N GLN A 82 8.51 8.08 -8.02
CA GLN A 82 8.94 8.73 -9.25
C GLN A 82 8.22 8.08 -10.43
N MET A 83 7.40 8.86 -11.12
CA MET A 83 6.60 8.40 -12.24
C MET A 83 7.17 9.00 -13.51
N ASN A 84 7.92 8.21 -14.25
CA ASN A 84 8.43 8.64 -15.54
C ASN A 84 7.62 7.98 -16.64
N SER A 85 7.53 8.67 -17.78
CA SER A 85 6.94 8.11 -18.99
C SER A 85 5.44 7.89 -18.81
N LEU A 86 4.78 8.80 -18.11
CA LEU A 86 3.38 8.61 -17.75
C LEU A 86 2.52 8.36 -18.99
N ARG A 87 1.39 7.68 -18.79
CA ARG A 87 0.53 7.21 -19.87
C ARG A 87 -0.91 7.53 -19.48
N ALA A 88 -1.81 7.38 -20.45
CA ALA A 88 -3.21 7.73 -20.21
C ALA A 88 -3.77 6.95 -19.02
N GLU A 89 -3.57 5.63 -19.02
CA GLU A 89 -4.13 4.75 -18.01
C GLU A 89 -3.61 5.02 -16.60
N ASP A 90 -2.42 5.62 -16.46
CA ASP A 90 -1.91 5.95 -15.12
C ASP A 90 -2.70 7.05 -14.43
N THR A 91 -3.71 7.62 -15.07
CA THR A 91 -4.54 8.65 -14.45
C THR A 91 -5.36 8.05 -13.30
N ALA A 92 -5.24 8.65 -12.11
CA ALA A 92 -5.89 8.06 -10.94
C ALA A 92 -5.63 8.92 -9.72
N ILE A 93 -6.36 8.62 -8.66
CA ILE A 93 -5.97 9.04 -7.31
C ILE A 93 -4.95 8.04 -6.78
N TYR A 94 -3.80 8.54 -6.31
CA TYR A 94 -2.74 7.70 -5.75
C TYR A 94 -2.75 7.87 -4.24
N TYR A 95 -2.92 6.77 -3.53
CA TYR A 95 -2.85 6.74 -2.09
C TYR A 95 -1.52 6.21 -1.60
N CYS A 96 -0.92 6.97 -0.67
CA CYS A 96 0.17 6.46 0.16
C CYS A 96 -0.43 5.45 1.13
N ALA A 97 0.30 4.39 1.47
CA ALA A 97 -0.25 3.40 2.38
C ALA A 97 0.85 2.88 3.29
N LYS A 98 0.54 2.82 4.57
CA LYS A 98 1.40 2.23 5.57
C LYS A 98 0.93 0.82 5.83
N THR A 99 1.84 -0.16 5.75
CA THR A 99 1.48 -1.51 6.15
C THR A 99 1.87 -1.74 7.60
N SER A 100 1.37 -2.85 8.17
CA SER A 100 1.55 -3.18 9.58
C SER A 100 2.88 -3.88 9.90
N GLY A 101 3.81 -3.97 8.95
CA GLY A 101 5.13 -4.52 9.26
C GLY A 101 6.18 -4.13 8.26
N SER A 102 7.42 -4.62 8.51
CA SER A 102 8.65 -4.23 7.77
C SER A 102 8.80 -4.88 6.42
N TYR A 103 8.27 -6.07 6.21
CA TYR A 103 8.48 -6.81 4.95
C TYR A 103 7.57 -6.20 3.90
N TYR A 104 8.02 -6.13 2.66
CA TYR A 104 7.27 -5.46 1.55
C TYR A 104 5.96 -6.19 1.21
N TYR A 105 5.69 -7.38 1.74
CA TYR A 105 4.35 -8.04 1.63
C TYR A 105 4.16 -8.88 2.88
N HIS A 106 3.00 -9.49 3.08
CA HIS A 106 2.59 -10.27 4.26
C HIS A 106 2.08 -9.34 5.35
N TYR A 107 1.97 -8.03 5.06
CA TYR A 107 1.34 -7.11 6.04
C TYR A 107 0.22 -6.31 5.34
N GLU A 108 -0.90 -6.11 6.06
CA GLU A 108 -2.06 -5.35 5.51
C GLU A 108 -1.78 -3.87 5.57
N ILE A 109 -2.46 -3.09 4.77
CA ILE A 109 -2.38 -1.62 4.84
C ILE A 109 -3.23 -1.24 6.04
N ASP A 110 -2.63 -0.73 7.10
CA ASP A 110 -3.40 -0.32 8.30
C ASP A 110 -3.69 1.18 8.28
N VAL A 111 -2.95 1.99 7.53
CA VAL A 111 -3.27 3.46 7.40
C VAL A 111 -3.23 3.87 5.94
N TRP A 112 -4.19 4.69 5.49
CA TRP A 112 -4.20 5.24 4.11
C TRP A 112 -4.07 6.76 4.14
N GLY A 113 -3.44 7.32 3.12
CA GLY A 113 -3.40 8.77 2.99
C GLY A 113 -4.69 9.29 2.38
N GLN A 114 -4.76 10.58 2.14
CA GLN A 114 -5.96 11.28 1.63
C GLN A 114 -6.07 11.10 0.12
N GLY A 115 -4.95 10.86 -0.52
CA GLY A 115 -4.90 10.69 -1.98
C GLY A 115 -4.38 11.92 -2.68
N THR A 116 -3.58 11.77 -3.74
CA THR A 116 -3.12 12.91 -4.58
C THR A 116 -3.55 12.54 -6.00
N THR A 117 -4.21 13.41 -6.72
CA THR A 117 -4.75 13.11 -8.03
C THR A 117 -3.69 13.34 -9.10
N VAL A 118 -3.63 12.40 -10.03
CA VAL A 118 -2.73 12.43 -11.17
C VAL A 118 -3.59 12.36 -12.42
N THR A 119 -3.36 13.28 -13.36
CA THR A 119 -4.05 13.29 -14.63
C THR A 119 -3.00 13.33 -15.75
N VAL A 120 -3.15 12.44 -16.71
CA VAL A 120 -2.28 12.36 -17.88
C VAL A 120 -3.15 12.56 -19.12
N SER A 121 -3.03 13.73 -19.77
CA SER A 121 -3.76 13.98 -21.01
C SER A 121 -3.20 15.21 -21.73
N SER A 122 -3.68 15.45 -22.96
CA SER A 122 -3.25 16.59 -23.81
C SER A 122 -4.09 17.84 -23.55
N ALA A 123 -5.26 17.70 -22.98
CA ALA A 123 -6.15 18.83 -22.65
C ALA A 123 -5.39 19.89 -21.88
N SER A 124 -5.68 21.18 -22.14
CA SER A 124 -5.01 22.31 -21.49
C SER A 124 -5.96 22.96 -20.50
N THR A 125 -5.44 23.51 -19.44
CA THR A 125 -6.27 24.23 -18.46
C THR A 125 -7.16 25.19 -19.25
N LYS A 126 -8.46 25.22 -18.97
CA LYS A 126 -9.46 26.03 -19.70
C LYS A 126 -10.20 26.69 -18.55
N GLY A 127 -11.49 26.95 -18.59
CA GLY A 127 -12.19 27.49 -17.44
C GLY A 127 -13.66 27.23 -17.60
N PRO A 128 -14.46 27.33 -16.53
CA PRO A 128 -15.87 27.01 -16.61
C PRO A 128 -16.78 28.18 -17.07
N SER A 129 -17.47 27.99 -18.22
CA SER A 129 -18.50 28.90 -18.77
C SER A 129 -19.82 28.44 -18.15
N VAL A 130 -20.36 29.18 -17.20
CA VAL A 130 -21.52 28.74 -16.38
C VAL A 130 -22.87 29.26 -16.95
N PHE A 131 -23.71 28.41 -17.56
CA PHE A 131 -24.97 28.79 -18.20
C PHE A 131 -26.10 28.60 -17.20
N PRO A 132 -27.21 29.33 -17.42
CA PRO A 132 -28.31 29.12 -16.56
C PRO A 132 -29.14 27.92 -16.99
N LEU A 133 -29.77 27.31 -16.01
CA LEU A 133 -30.81 26.30 -16.22
C LEU A 133 -32.07 26.82 -15.52
N ALA A 134 -32.75 27.78 -16.19
CA ALA A 134 -33.79 28.56 -15.53
C ALA A 134 -35.09 27.77 -15.42
N PRO A 135 -35.95 28.13 -14.46
CA PRO A 135 -37.18 27.37 -14.27
C PRO A 135 -38.22 27.71 -15.32
N SER A 136 -39.10 26.75 -15.57
CA SER A 136 -40.08 26.87 -16.65
C SER A 136 -41.14 27.94 -16.40
N THR A 144 -41.79 24.34 -5.65
CA THR A 144 -41.99 23.07 -6.33
C THR A 144 -41.16 22.99 -7.63
N ALA A 145 -40.39 24.03 -7.92
CA ALA A 145 -39.77 24.21 -9.22
C ALA A 145 -38.36 23.59 -9.27
N ALA A 146 -37.54 23.90 -10.29
CA ALA A 146 -36.14 23.40 -10.44
C ALA A 146 -35.36 24.37 -11.27
N LEU A 147 -34.11 24.64 -10.89
CA LEU A 147 -33.26 25.67 -11.54
C LEU A 147 -31.84 25.19 -11.30
N GLY A 148 -30.88 25.58 -12.10
CA GLY A 148 -29.52 25.02 -11.96
C GLY A 148 -28.44 25.78 -12.71
N CYS A 149 -27.24 25.24 -12.93
CA CYS A 149 -26.18 25.83 -13.79
C CYS A 149 -25.44 24.77 -14.58
N LEU A 150 -25.10 25.01 -15.85
CA LEU A 150 -24.33 24.08 -16.72
C LEU A 150 -22.87 24.50 -16.72
N VAL A 151 -22.06 23.89 -15.89
CA VAL A 151 -20.61 24.20 -15.78
C VAL A 151 -19.97 23.38 -16.90
N LYS A 152 -19.85 23.96 -18.09
CA LYS A 152 -19.39 23.25 -19.29
C LYS A 152 -17.97 23.58 -19.72
N ASP A 153 -17.28 22.63 -20.33
CA ASP A 153 -15.94 22.82 -20.94
C ASP A 153 -14.90 23.34 -19.95
N TYR A 154 -14.56 22.61 -18.88
CA TYR A 154 -13.66 23.17 -17.85
C TYR A 154 -12.35 22.43 -17.63
N PHE A 155 -11.36 23.11 -17.02
CA PHE A 155 -9.96 22.69 -16.78
C PHE A 155 -9.93 21.23 -16.36
N PRO A 156 -8.92 20.68 -15.67
CA PRO A 156 -9.04 19.36 -15.15
C PRO A 156 -10.02 19.44 -14.00
N GLU A 157 -10.32 18.34 -13.37
CA GLU A 157 -11.19 18.34 -12.19
C GLU A 157 -10.43 19.07 -11.07
N PRO A 158 -11.04 19.52 -9.96
CA PRO A 158 -12.48 19.64 -9.80
C PRO A 158 -13.02 21.07 -9.97
N VAL A 159 -14.33 21.27 -9.81
CA VAL A 159 -14.97 22.60 -9.82
C VAL A 159 -15.81 22.63 -8.55
N THR A 160 -16.12 23.80 -8.04
CA THR A 160 -16.93 24.00 -6.81
C THR A 160 -18.26 24.55 -7.24
N VAL A 161 -19.35 24.26 -6.52
CA VAL A 161 -20.68 24.86 -6.77
C VAL A 161 -21.40 24.90 -5.42
N SER A 162 -21.72 26.09 -4.90
CA SER A 162 -22.45 26.32 -3.61
C SER A 162 -23.76 27.03 -3.92
N GLY A 171 -31.92 18.48 -1.98
CA GLY A 171 -32.24 19.89 -2.22
C GLY A 171 -31.33 20.48 -3.27
N VAL A 172 -30.02 20.34 -3.10
CA VAL A 172 -29.00 20.72 -4.11
C VAL A 172 -28.38 19.41 -4.55
N HIS A 173 -28.14 19.22 -5.85
CA HIS A 173 -27.50 18.02 -6.41
C HIS A 173 -26.46 18.50 -7.41
N THR A 174 -25.16 18.45 -7.08
CA THR A 174 -24.06 18.77 -8.03
C THR A 174 -23.63 17.44 -8.64
N PHE A 175 -23.75 17.31 -9.94
CA PHE A 175 -23.53 16.02 -10.63
C PHE A 175 -22.06 15.73 -10.86
N PRO A 176 -21.63 14.46 -10.81
CA PRO A 176 -20.28 14.16 -11.19
C PRO A 176 -19.96 14.73 -12.58
N ALA A 177 -18.70 15.03 -12.85
CA ALA A 177 -18.30 15.52 -14.18
C ALA A 177 -18.28 14.37 -15.17
N VAL A 178 -18.60 14.64 -16.43
CA VAL A 178 -18.52 13.63 -17.52
C VAL A 178 -17.41 14.11 -18.45
N LEU A 179 -16.54 13.21 -18.86
CA LEU A 179 -15.49 13.54 -19.85
C LEU A 179 -16.19 13.52 -21.19
N GLN A 180 -16.26 14.65 -21.87
CA GLN A 180 -16.98 14.79 -23.15
C GLN A 180 -16.07 14.27 -24.26
N SER A 181 -16.63 13.75 -25.35
CA SER A 181 -15.87 13.20 -26.50
C SER A 181 -14.75 14.15 -26.91
N SER A 182 -14.79 15.38 -26.43
CA SER A 182 -13.77 16.40 -26.72
C SER A 182 -12.54 16.16 -25.83
N GLY A 183 -12.74 15.84 -24.55
CA GLY A 183 -11.64 15.65 -23.59
C GLY A 183 -11.81 16.61 -22.46
N LEU A 184 -12.67 17.61 -22.66
CA LEU A 184 -13.01 18.56 -21.60
C LEU A 184 -14.09 17.94 -20.72
N TYR A 185 -14.25 18.41 -19.50
CA TYR A 185 -15.26 17.91 -18.54
C TYR A 185 -16.47 18.82 -18.59
N SER A 186 -17.62 18.33 -18.13
CA SER A 186 -18.85 19.15 -18.03
C SER A 186 -19.70 18.60 -16.90
N LEU A 187 -20.35 19.47 -16.14
CA LEU A 187 -21.33 19.05 -15.12
C LEU A 187 -22.42 20.08 -14.98
N SER A 188 -23.48 19.71 -14.30
CA SER A 188 -24.55 20.64 -13.96
C SER A 188 -24.72 20.61 -12.47
N SER A 189 -25.07 21.73 -11.85
CA SER A 189 -25.45 21.79 -10.43
C SER A 189 -26.89 22.26 -10.45
N VAL A 190 -27.80 21.49 -9.89
CA VAL A 190 -29.26 21.78 -9.90
C VAL A 190 -29.69 22.02 -8.46
N VAL A 191 -30.74 22.82 -8.28
CA VAL A 191 -31.25 23.16 -6.94
C VAL A 191 -32.75 23.37 -7.04
N THR A 192 -33.54 22.54 -6.36
CA THR A 192 -35.00 22.75 -6.25
C THR A 192 -35.19 23.93 -5.31
N VAL A 193 -36.23 24.74 -5.52
CA VAL A 193 -36.52 25.93 -4.69
C VAL A 193 -38.02 26.20 -4.87
N PRO A 194 -38.75 26.83 -3.92
CA PRO A 194 -40.22 26.95 -4.02
C PRO A 194 -40.70 27.58 -5.33
N SER A 195 -41.88 27.19 -5.82
CA SER A 195 -42.36 27.59 -7.18
C SER A 195 -42.50 29.09 -7.24
N SER A 196 -43.24 29.68 -6.31
CA SER A 196 -43.36 31.15 -6.15
C SER A 196 -42.30 31.53 -5.10
N SER A 197 -41.09 31.87 -5.52
CA SER A 197 -39.97 32.23 -4.63
C SER A 197 -39.11 33.30 -5.29
N CYS A 205 -25.71 28.80 -7.97
CA CYS A 205 -24.48 28.73 -8.79
C CYS A 205 -23.31 29.55 -8.19
N ASN A 206 -22.89 29.19 -6.98
CA ASN A 206 -21.65 29.81 -6.42
C ASN A 206 -20.56 28.87 -6.92
N VAL A 207 -20.14 29.04 -8.17
CA VAL A 207 -19.24 28.05 -8.82
C VAL A 207 -17.79 28.49 -8.87
N ASN A 208 -17.26 28.85 -10.04
CA ASN A 208 -15.81 29.12 -10.22
C ASN A 208 -15.61 29.51 -11.68
N GLU B 2 -0.07 -12.92 -8.43
CA GLU B 2 -1.02 -12.50 -9.46
C GLU B 2 -2.36 -13.22 -9.24
N ILE B 3 -2.63 -13.57 -7.96
CA ILE B 3 -3.91 -14.15 -7.60
C ILE B 3 -5.02 -13.19 -7.99
N VAL B 4 -6.15 -13.74 -8.44
CA VAL B 4 -7.32 -12.95 -8.83
C VAL B 4 -8.37 -13.15 -7.74
N LEU B 5 -8.86 -12.05 -7.19
CA LEU B 5 -9.93 -12.08 -6.21
C LEU B 5 -11.21 -11.61 -6.89
N THR B 6 -12.26 -12.42 -6.80
CA THR B 6 -13.55 -12.11 -7.45
C THR B 6 -14.59 -11.95 -6.36
N GLN B 7 -15.13 -10.75 -6.24
CA GLN B 7 -16.10 -10.43 -5.21
C GLN B 7 -17.49 -10.62 -5.80
N SER B 8 -18.37 -11.23 -5.02
CA SER B 8 -19.76 -11.39 -5.45
C SER B 8 -20.71 -11.18 -4.28
N PRO B 9 -21.88 -10.55 -4.50
CA PRO B 9 -22.34 -9.89 -5.72
C PRO B 9 -21.59 -8.60 -5.98
N GLY B 10 -21.72 -8.04 -7.19
CA GLY B 10 -21.09 -6.75 -7.46
C GLY B 10 -21.79 -5.61 -6.76
N THR B 11 -23.11 -5.65 -6.68
CA THR B 11 -23.89 -4.70 -5.92
C THR B 11 -24.87 -5.51 -5.08
N LEU B 12 -25.11 -5.02 -3.87
CA LEU B 12 -25.93 -5.71 -2.88
C LEU B 12 -26.81 -4.63 -2.28
N SER B 13 -28.12 -4.77 -2.44
CA SER B 13 -29.05 -3.78 -1.93
C SER B 13 -29.84 -4.38 -0.78
N LEU B 14 -29.69 -3.80 0.43
CA LEU B 14 -30.17 -4.35 1.68
C LEU B 14 -30.65 -3.22 2.57
N SER B 15 -31.63 -3.55 3.47
CA SER B 15 -32.21 -2.56 4.36
C SER B 15 -31.37 -2.46 5.63
N PRO B 16 -31.26 -1.29 6.25
CA PRO B 16 -30.67 -1.24 7.58
C PRO B 16 -31.28 -2.34 8.44
N GLY B 17 -30.46 -2.86 9.37
CA GLY B 17 -30.84 -3.90 10.31
C GLY B 17 -30.84 -5.30 9.75
N GLU B 18 -30.64 -5.45 8.45
CA GLU B 18 -30.50 -6.75 7.82
C GLU B 18 -29.07 -7.25 8.05
N ARG B 19 -28.85 -8.52 7.70
CA ARG B 19 -27.54 -9.14 7.73
C ARG B 19 -26.93 -9.07 6.33
N ALA B 20 -25.67 -8.69 6.24
CA ALA B 20 -24.96 -8.61 4.96
C ALA B 20 -23.89 -9.69 4.91
N THR B 21 -23.82 -10.42 3.79
CA THR B 21 -22.80 -11.42 3.54
C THR B 21 -22.10 -11.01 2.24
N LEU B 22 -20.85 -10.53 2.37
CA LEU B 22 -20.00 -10.22 1.23
C LEU B 22 -19.04 -11.38 1.01
N SER B 23 -18.88 -11.75 -0.25
CA SER B 23 -18.10 -12.91 -0.65
C SER B 23 -16.85 -12.50 -1.43
N CYS B 24 -15.71 -13.17 -1.21
CA CYS B 24 -14.43 -12.93 -1.92
C CYS B 24 -13.88 -14.30 -2.27
N ARG B 25 -13.65 -14.59 -3.55
CA ARG B 25 -13.24 -15.92 -4.02
C ARG B 25 -11.90 -15.84 -4.73
N ALA B 26 -10.87 -16.46 -4.21
CA ALA B 26 -9.51 -16.36 -4.79
C ALA B 26 -9.32 -17.40 -5.88
N SER B 27 -8.47 -17.10 -6.85
CA SER B 27 -8.14 -18.00 -7.98
C SER B 27 -7.28 -19.15 -7.47
N GLN B 28 -6.68 -19.05 -6.28
CA GLN B 28 -5.92 -20.15 -5.64
C GLN B 28 -6.07 -19.98 -4.14
N SER B 29 -5.64 -20.93 -3.34
CA SER B 29 -5.71 -20.80 -1.87
C SER B 29 -4.90 -19.60 -1.38
N VAL B 30 -5.43 -18.86 -0.40
CA VAL B 30 -4.77 -17.71 0.23
C VAL B 30 -4.80 -18.05 1.72
N SER B 31 -3.71 -17.81 2.44
CA SER B 31 -3.64 -18.12 3.88
C SER B 31 -4.54 -17.12 4.59
N SER B 32 -5.16 -17.53 5.66
CA SER B 32 -6.06 -16.67 6.43
C SER B 32 -5.27 -15.50 6.96
N SER B 33 -3.97 -15.69 7.22
CA SER B 33 -3.08 -14.65 7.77
C SER B 33 -2.93 -13.50 6.81
N TYR B 34 -3.15 -13.70 5.52
CA TYR B 34 -2.88 -12.71 4.46
C TYR B 34 -4.13 -12.39 3.66
N LEU B 35 -5.24 -12.11 4.32
CA LEU B 35 -6.47 -11.62 3.64
C LEU B 35 -7.08 -10.53 4.51
N ALA B 36 -7.44 -9.40 3.91
CA ALA B 36 -8.05 -8.27 4.64
C ALA B 36 -9.27 -7.75 3.90
N TRP B 37 -10.03 -6.91 4.55
CA TRP B 37 -11.22 -6.24 3.97
C TRP B 37 -11.01 -4.76 4.21
N TYR B 38 -11.35 -3.93 3.23
CA TYR B 38 -11.27 -2.47 3.33
C TYR B 38 -12.64 -1.90 3.01
N GLN B 39 -12.99 -0.79 3.62
CA GLN B 39 -14.26 -0.09 3.38
C GLN B 39 -13.89 1.23 2.75
N GLN B 40 -14.63 1.66 1.74
CA GLN B 40 -14.43 2.97 1.11
C GLN B 40 -15.77 3.65 0.87
N LYS B 41 -15.92 4.83 1.45
CA LYS B 41 -17.14 5.63 1.27
C LYS B 41 -16.81 6.64 0.19
N PRO B 42 -17.79 7.17 -0.58
CA PRO B 42 -17.45 8.02 -1.70
C PRO B 42 -16.74 9.30 -1.27
N GLY B 43 -15.74 9.71 -2.03
CA GLY B 43 -14.94 10.90 -1.74
C GLY B 43 -14.07 10.70 -0.54
N GLN B 44 -13.83 9.45 -0.16
CA GLN B 44 -12.98 9.12 1.00
C GLN B 44 -11.98 8.06 0.58
N ALA B 45 -10.87 8.02 1.29
CA ALA B 45 -9.84 7.01 1.06
C ALA B 45 -10.35 5.71 1.67
N PRO B 46 -9.84 4.55 1.23
CA PRO B 46 -10.24 3.33 1.86
C PRO B 46 -9.82 3.30 3.33
N ARG B 47 -10.40 2.40 4.12
CA ARG B 47 -10.08 2.21 5.55
C ARG B 47 -9.96 0.73 5.80
N LEU B 48 -8.95 0.29 6.55
CA LEU B 48 -8.82 -1.12 6.95
C LEU B 48 -10.01 -1.50 7.83
N LEU B 49 -10.64 -2.63 7.55
CA LEU B 49 -11.77 -3.17 8.33
C LEU B 49 -11.32 -4.43 9.06
N ILE B 50 -10.97 -5.50 8.35
CA ILE B 50 -10.60 -6.81 8.92
C ILE B 50 -9.23 -7.17 8.35
N TYR B 51 -8.35 -7.75 9.16
CA TYR B 51 -6.99 -8.17 8.74
C TYR B 51 -6.84 -9.60 9.20
N GLY B 52 -6.11 -10.40 8.42
CA GLY B 52 -5.87 -11.79 8.79
C GLY B 52 -7.16 -12.57 8.83
N THR B 53 -8.09 -12.28 7.92
CA THR B 53 -9.38 -13.00 7.73
C THR B 53 -10.40 -12.66 8.80
N SER B 54 -10.08 -12.61 10.10
CA SER B 54 -11.05 -12.47 11.21
C SER B 54 -10.73 -11.41 12.22
N ASN B 55 -9.65 -10.65 12.07
CA ASN B 55 -9.22 -9.70 13.13
C ASN B 55 -9.73 -8.29 12.82
N ARG B 56 -10.57 -7.74 13.67
CA ARG B 56 -11.07 -6.36 13.52
C ARG B 56 -9.92 -5.39 13.79
N ALA B 57 -9.86 -4.29 13.05
CA ALA B 57 -8.83 -3.27 13.19
C ALA B 57 -9.23 -2.29 14.28
N THR B 58 -8.33 -1.38 14.64
CA THR B 58 -8.54 -0.41 15.72
C THR B 58 -9.68 0.54 15.34
N GLY B 59 -10.85 0.41 15.98
CA GLY B 59 -12.00 1.31 15.77
C GLY B 59 -13.11 0.72 14.94
N ILE B 60 -13.12 -0.58 14.71
CA ILE B 60 -14.13 -1.27 13.85
C ILE B 60 -15.10 -2.00 14.77
N PRO B 61 -16.44 -1.81 14.65
CA PRO B 61 -17.36 -2.46 15.52
C PRO B 61 -17.52 -3.97 15.42
N ASP B 62 -17.95 -4.57 16.52
CA ASP B 62 -18.15 -6.04 16.61
C ASP B 62 -19.16 -6.48 15.56
N ARG B 63 -20.05 -5.59 15.15
CA ARG B 63 -21.02 -5.84 14.06
C ARG B 63 -20.30 -6.48 12.88
N PHE B 64 -19.12 -5.97 12.53
CA PHE B 64 -18.30 -6.50 11.41
C PHE B 64 -17.55 -7.73 11.87
N SER B 65 -17.58 -8.78 11.07
CA SER B 65 -16.89 -10.04 11.38
C SER B 65 -16.43 -10.63 10.06
N GLY B 66 -15.34 -11.38 10.07
CA GLY B 66 -14.80 -12.03 8.88
C GLY B 66 -14.53 -13.47 9.13
N SER B 67 -14.50 -14.28 8.08
CA SER B 67 -14.25 -15.72 8.15
C SER B 67 -13.84 -16.21 6.80
N GLY B 68 -13.27 -17.39 6.73
CA GLY B 68 -12.89 -18.01 5.45
C GLY B 68 -11.58 -18.72 5.51
N SER B 69 -11.25 -19.43 4.45
CA SER B 69 -10.00 -20.19 4.30
C SER B 69 -10.04 -20.76 2.90
N GLY B 70 -8.88 -21.11 2.37
CA GLY B 70 -8.78 -21.65 1.02
C GLY B 70 -9.06 -20.60 -0.01
N THR B 71 -10.01 -20.84 -0.91
CA THR B 71 -10.32 -19.93 -2.03
C THR B 71 -11.60 -19.15 -1.75
N ASP B 72 -12.12 -19.15 -0.52
CA ASP B 72 -13.46 -18.57 -0.25
C ASP B 72 -13.49 -17.87 1.10
N PHE B 73 -13.75 -16.55 1.11
CA PHE B 73 -13.74 -15.71 2.31
C PHE B 73 -15.05 -14.94 2.38
N THR B 74 -15.45 -14.52 3.57
CA THR B 74 -16.73 -13.84 3.78
C THR B 74 -16.62 -12.72 4.81
N LEU B 75 -17.23 -11.56 4.57
CA LEU B 75 -17.32 -10.45 5.53
C LEU B 75 -18.80 -10.43 5.96
N THR B 76 -19.12 -10.23 7.23
CA THR B 76 -20.51 -10.23 7.74
C THR B 76 -20.75 -8.95 8.52
N VAL B 77 -21.85 -8.26 8.26
CA VAL B 77 -22.28 -7.05 9.01
C VAL B 77 -23.62 -7.46 9.67
N SER B 78 -23.62 -8.23 10.75
CA SER B 78 -24.83 -8.78 11.41
C SER B 78 -26.07 -7.89 11.31
N ARG B 79 -25.95 -6.60 11.63
CA ARG B 79 -27.06 -5.62 11.65
C ARG B 79 -26.52 -4.30 11.04
N LEU B 80 -26.89 -3.98 9.80
CA LEU B 80 -26.31 -2.83 9.04
C LEU B 80 -26.71 -1.45 9.57
N GLU B 81 -25.78 -0.64 10.02
CA GLU B 81 -26.06 0.75 10.39
C GLU B 81 -26.08 1.52 9.08
N PRO B 82 -26.65 2.73 9.00
CA PRO B 82 -26.58 3.49 7.77
C PRO B 82 -25.14 3.80 7.34
N GLU B 83 -24.24 3.93 8.29
CA GLU B 83 -22.82 4.28 8.02
C GLU B 83 -22.11 3.17 7.25
N ASP B 84 -22.63 1.97 7.22
CA ASP B 84 -22.00 0.78 6.59
C ASP B 84 -22.28 0.68 5.09
N PHE B 85 -23.18 1.49 4.55
CA PHE B 85 -23.51 1.47 3.11
C PHE B 85 -22.32 2.14 2.41
N ALA B 86 -21.45 1.36 1.76
CA ALA B 86 -20.19 1.83 1.15
C ALA B 86 -19.64 0.70 0.30
N VAL B 87 -18.50 0.89 -0.35
CA VAL B 87 -17.85 -0.17 -1.18
C VAL B 87 -16.88 -0.93 -0.27
N TYR B 88 -16.84 -2.24 -0.39
CA TYR B 88 -15.98 -3.12 0.41
C TYR B 88 -15.01 -3.75 -0.55
N TYR B 89 -13.75 -3.88 -0.22
CA TYR B 89 -12.74 -4.51 -1.06
C TYR B 89 -12.01 -5.58 -0.25
N CYS B 90 -11.86 -6.79 -0.77
CA CYS B 90 -11.01 -7.80 -0.14
C CYS B 90 -9.65 -7.60 -0.81
N GLN B 91 -8.56 -7.95 -0.12
CA GLN B 91 -7.21 -7.82 -0.71
C GLN B 91 -6.42 -9.03 -0.21
N GLN B 92 -5.61 -9.65 -1.07
CA GLN B 92 -4.69 -10.73 -0.59
C GLN B 92 -3.29 -10.12 -0.56
N TYR B 93 -2.51 -10.36 0.49
CA TYR B 93 -1.16 -9.80 0.64
C TYR B 93 -0.16 -10.87 1.01
N GLY B 94 -0.46 -12.11 0.67
CA GLY B 94 0.38 -13.24 1.00
C GLY B 94 1.23 -13.66 -0.17
N SER B 95 0.93 -13.13 -1.35
CA SER B 95 1.73 -13.42 -2.55
C SER B 95 1.90 -12.14 -3.36
N SER B 96 2.94 -12.12 -4.20
CA SER B 96 3.23 -10.93 -5.00
C SER B 96 2.89 -11.17 -6.47
N PRO B 97 2.32 -10.21 -7.24
CA PRO B 97 1.84 -8.91 -6.74
C PRO B 97 0.63 -8.98 -5.80
N CYS B 98 0.51 -8.04 -4.86
CA CYS B 98 -0.64 -7.95 -3.94
C CYS B 98 -1.84 -7.67 -4.83
N SER B 99 -3.04 -8.08 -4.50
CA SER B 99 -4.24 -7.95 -5.36
C SER B 99 -5.45 -7.60 -4.53
N PHE B 100 -6.23 -6.79 -5.20
CA PHE B 100 -7.52 -6.43 -4.60
C PHE B 100 -8.62 -6.94 -5.53
N GLY B 101 -9.71 -7.48 -5.01
CA GLY B 101 -10.93 -7.76 -5.79
C GLY B 101 -11.55 -6.48 -6.29
N GLN B 102 -12.59 -6.56 -7.12
CA GLN B 102 -13.16 -5.40 -7.83
C GLN B 102 -14.17 -4.63 -6.97
N GLY B 103 -14.47 -5.09 -5.76
CA GLY B 103 -15.33 -4.35 -4.87
C GLY B 103 -16.76 -4.84 -4.92
N THR B 104 -17.47 -4.64 -3.77
CA THR B 104 -18.92 -4.94 -3.64
C THR B 104 -19.55 -3.66 -3.08
N LYS B 105 -20.48 -3.07 -3.79
CA LYS B 105 -21.10 -1.80 -3.35
C LYS B 105 -22.35 -2.15 -2.50
N LEU B 106 -22.46 -1.73 -1.25
CA LEU B 106 -23.59 -2.02 -0.34
C LEU B 106 -24.54 -0.83 -0.44
N GLU B 107 -25.68 -0.99 -1.10
CA GLU B 107 -26.65 0.09 -1.35
C GLU B 107 -27.73 0.09 -0.26
N LEU B 108 -28.19 1.26 0.19
CA LEU B 108 -29.20 1.43 1.26
C LEU B 108 -30.62 1.33 0.68
N LYS B 109 -31.25 0.18 0.78
CA LYS B 109 -32.58 0.00 0.19
C LYS B 109 -33.65 0.78 0.96
N ARG B 110 -34.58 1.39 0.20
CA ARG B 110 -35.64 2.20 0.77
C ARG B 110 -36.88 2.04 -0.12
N THR B 111 -37.97 2.77 0.17
CA THR B 111 -39.27 2.65 -0.56
C THR B 111 -39.26 3.39 -1.90
N VAL B 112 -39.93 2.92 -2.94
CA VAL B 112 -39.82 3.58 -4.27
C VAL B 112 -40.17 5.07 -4.15
N ALA B 113 -39.44 5.96 -4.83
CA ALA B 113 -39.72 7.40 -4.90
C ALA B 113 -39.68 7.74 -6.39
N ALA B 114 -40.60 8.58 -6.92
CA ALA B 114 -40.66 8.80 -8.38
C ALA B 114 -39.81 9.99 -8.72
N PRO B 115 -39.18 10.04 -9.91
CA PRO B 115 -38.44 11.18 -10.26
C PRO B 115 -39.32 12.40 -10.55
N SER B 116 -38.94 13.55 -10.05
CA SER B 116 -39.56 14.82 -10.41
C SER B 116 -38.81 15.22 -11.68
N VAL B 117 -39.41 15.06 -12.85
CA VAL B 117 -38.68 15.29 -14.13
C VAL B 117 -38.74 16.77 -14.49
N PHE B 118 -37.65 17.36 -14.98
CA PHE B 118 -37.60 18.72 -15.49
C PHE B 118 -36.75 18.75 -16.75
N ILE B 119 -37.03 19.74 -17.61
CA ILE B 119 -36.30 19.91 -18.86
C ILE B 119 -35.91 21.38 -18.95
N PHE B 120 -34.71 21.61 -19.49
CA PHE B 120 -34.07 22.92 -19.65
C PHE B 120 -33.61 23.14 -21.09
N PRO B 121 -34.10 24.17 -21.76
CA PRO B 121 -33.59 24.55 -23.07
C PRO B 121 -32.21 25.16 -22.94
N PRO B 122 -31.47 25.22 -24.03
CA PRO B 122 -30.19 25.94 -24.03
C PRO B 122 -30.37 27.45 -23.84
N SER B 123 -29.42 28.04 -23.11
CA SER B 123 -29.29 29.47 -23.00
C SER B 123 -28.82 30.09 -24.32
N ASP B 124 -29.09 31.39 -24.45
CA ASP B 124 -28.70 32.10 -25.67
C ASP B 124 -27.19 32.31 -25.73
N GLU B 125 -26.48 32.46 -24.61
CA GLU B 125 -25.00 32.58 -24.69
C GLU B 125 -24.44 31.36 -25.38
N GLN B 126 -24.94 30.16 -25.11
CA GLN B 126 -24.39 28.93 -25.66
C GLN B 126 -24.78 28.94 -27.12
N LEU B 127 -25.92 29.47 -27.54
CA LEU B 127 -26.27 29.61 -28.98
C LEU B 127 -25.42 30.77 -29.50
N LYS B 128 -24.11 30.69 -29.35
CA LYS B 128 -23.10 31.73 -29.78
C LYS B 128 -21.79 30.97 -29.94
N SER B 129 -21.41 30.12 -28.98
CA SER B 129 -20.27 29.19 -29.10
C SER B 129 -20.57 28.15 -30.20
N GLY B 130 -21.79 28.14 -30.78
CA GLY B 130 -22.10 27.24 -31.89
C GLY B 130 -22.55 25.85 -31.47
N THR B 131 -22.77 25.62 -30.19
CA THR B 131 -23.33 24.39 -29.67
C THR B 131 -24.51 24.72 -28.75
N ALA B 132 -25.47 23.79 -28.69
CA ALA B 132 -26.61 23.89 -27.79
C ALA B 132 -26.65 22.64 -26.92
N SER B 133 -26.80 22.82 -25.60
CA SER B 133 -27.00 21.71 -24.68
C SER B 133 -28.40 21.77 -24.09
N VAL B 134 -29.08 20.63 -24.13
CA VAL B 134 -30.41 20.48 -23.59
C VAL B 134 -30.31 19.50 -22.42
N VAL B 135 -30.77 19.92 -21.26
CA VAL B 135 -30.64 19.11 -20.05
C VAL B 135 -32.01 18.61 -19.59
N CYS B 136 -32.07 17.32 -19.26
CA CYS B 136 -33.21 16.70 -18.60
CA CYS B 136 -33.21 16.70 -18.60
C CYS B 136 -32.75 16.22 -17.22
N LEU B 137 -33.39 16.74 -16.18
CA LEU B 137 -33.09 16.39 -14.80
C LEU B 137 -34.15 15.43 -14.26
N LEU B 138 -33.69 14.35 -13.60
CA LEU B 138 -34.57 13.43 -12.85
C LEU B 138 -34.18 13.69 -11.40
N ASN B 139 -35.02 14.28 -10.54
CA ASN B 139 -34.65 14.70 -9.14
C ASN B 139 -35.20 13.78 -8.01
N ASN B 140 -34.33 13.51 -6.99
CA ASN B 140 -34.67 12.71 -5.78
C ASN B 140 -35.52 11.50 -6.08
N PHE B 141 -34.98 10.40 -6.62
CA PHE B 141 -35.72 9.16 -6.97
C PHE B 141 -35.04 7.85 -6.53
N TYR B 142 -35.79 6.87 -6.04
CA TYR B 142 -35.28 5.53 -5.66
C TYR B 142 -36.15 4.49 -6.34
N PRO B 143 -35.73 3.37 -6.96
CA PRO B 143 -34.31 2.98 -7.11
C PRO B 143 -33.50 3.73 -8.18
N ARG B 144 -32.22 3.39 -8.41
CA ARG B 144 -31.35 4.13 -9.37
C ARG B 144 -31.78 3.81 -10.79
N GLU B 145 -32.51 2.73 -10.98
CA GLU B 145 -32.89 2.26 -12.32
C GLU B 145 -33.85 3.25 -12.96
N ALA B 146 -33.49 3.90 -14.05
CA ALA B 146 -34.37 4.82 -14.81
C ALA B 146 -33.91 4.90 -16.27
N LYS B 147 -34.85 5.01 -17.21
CA LYS B 147 -34.51 5.19 -18.64
C LYS B 147 -34.90 6.62 -19.02
N VAL B 148 -34.10 7.30 -19.78
CA VAL B 148 -34.33 8.67 -20.30
C VAL B 148 -34.13 8.60 -21.81
N GLN B 149 -35.14 8.96 -22.60
CA GLN B 149 -35.08 8.94 -24.08
C GLN B 149 -35.18 10.38 -24.54
N TRP B 150 -34.40 10.81 -25.50
CA TRP B 150 -34.50 12.16 -26.08
C TRP B 150 -35.27 12.06 -27.38
N LYS B 151 -36.12 13.04 -27.68
CA LYS B 151 -36.89 13.10 -28.95
C LYS B 151 -36.86 14.54 -29.44
N VAL B 152 -36.51 14.75 -30.71
CA VAL B 152 -36.44 16.09 -31.34
C VAL B 152 -37.40 16.01 -32.51
N ASP B 153 -38.51 16.76 -32.46
CA ASP B 153 -39.59 16.67 -33.46
C ASP B 153 -40.04 15.21 -33.55
N ASN B 154 -40.14 14.52 -32.41
CA ASN B 154 -40.64 13.13 -32.28
C ASN B 154 -39.68 12.10 -32.87
N ALA B 155 -38.47 12.48 -33.24
CA ALA B 155 -37.42 11.56 -33.73
C ALA B 155 -36.57 11.12 -32.54
N LEU B 156 -36.57 9.83 -32.21
CA LEU B 156 -35.81 9.28 -31.07
C LEU B 156 -34.33 9.48 -31.32
N GLN B 157 -33.62 10.08 -30.38
CA GLN B 157 -32.20 10.41 -30.56
C GLN B 157 -31.35 9.23 -30.09
N SER B 158 -30.14 9.08 -30.63
CA SER B 158 -29.18 8.03 -30.23
C SER B 158 -27.77 8.59 -30.32
N GLY B 159 -26.90 8.32 -29.34
CA GLY B 159 -25.47 8.66 -29.38
C GLY B 159 -25.10 10.11 -29.13
N ASN B 160 -26.07 11.00 -28.88
CA ASN B 160 -25.85 12.46 -28.73
C ASN B 160 -26.20 12.92 -27.31
N SER B 161 -26.33 11.98 -26.37
CA SER B 161 -26.72 12.27 -24.98
C SER B 161 -25.75 11.60 -24.01
N GLN B 162 -25.47 12.23 -22.86
CA GLN B 162 -24.58 11.70 -21.82
C GLN B 162 -25.30 11.85 -20.49
N GLU B 163 -25.23 10.84 -19.65
CA GLU B 163 -25.92 10.83 -18.35
C GLU B 163 -24.91 10.94 -17.22
N SER B 164 -25.31 11.53 -16.10
CA SER B 164 -24.49 11.60 -14.86
C SER B 164 -25.44 11.39 -13.69
N VAL B 165 -25.10 10.50 -12.77
CA VAL B 165 -25.97 10.14 -11.61
C VAL B 165 -25.23 10.45 -10.32
N THR B 166 -25.94 10.98 -9.35
CA THR B 166 -25.38 11.33 -8.04
C THR B 166 -25.21 10.08 -7.19
N GLU B 167 -24.44 10.15 -6.11
CA GLU B 167 -24.31 9.06 -5.14
C GLU B 167 -25.60 9.07 -4.32
N GLN B 168 -25.93 7.97 -3.69
CA GLN B 168 -27.17 7.84 -2.91
C GLN B 168 -27.13 8.93 -1.84
N ASP B 169 -28.20 9.70 -1.68
CA ASP B 169 -28.20 10.85 -0.74
C ASP B 169 -27.95 10.38 0.68
N SER B 170 -27.33 11.21 1.49
CA SER B 170 -27.03 10.93 2.92
C SER B 170 -28.29 10.90 3.78
N LYS B 171 -29.37 11.53 3.33
CA LYS B 171 -30.62 11.65 4.10
C LYS B 171 -31.75 10.87 3.45
N ASP B 172 -32.12 11.17 2.20
CA ASP B 172 -33.29 10.53 1.54
C ASP B 172 -32.88 9.16 1.07
N SER B 173 -31.61 8.94 0.76
CA SER B 173 -31.12 7.69 0.14
C SER B 173 -31.71 7.61 -1.27
N THR B 174 -31.96 8.74 -1.90
CA THR B 174 -32.46 8.80 -3.30
C THR B 174 -31.28 9.07 -4.22
N TYR B 175 -31.47 9.06 -5.53
CA TYR B 175 -30.46 9.32 -6.56
C TYR B 175 -30.97 10.51 -7.38
N SER B 176 -30.14 11.26 -8.07
CA SER B 176 -30.58 12.32 -9.01
C SER B 176 -29.75 12.02 -10.26
N LEU B 177 -30.27 12.29 -11.46
CA LEU B 177 -29.60 11.96 -12.73
C LEU B 177 -29.75 13.12 -13.69
N SER B 178 -28.76 13.46 -14.47
CA SER B 178 -28.86 14.48 -15.52
C SER B 178 -28.72 13.73 -16.83
N SER B 179 -29.41 14.12 -17.87
CA SER B 179 -29.22 13.59 -19.21
C SER B 179 -28.91 14.83 -20.02
N THR B 180 -27.83 14.92 -20.76
CA THR B 180 -27.47 16.14 -21.50
C THR B 180 -27.45 15.83 -22.98
N LEU B 181 -28.40 16.35 -23.76
CA LEU B 181 -28.41 16.22 -25.23
C LEU B 181 -27.43 17.28 -25.74
N THR B 182 -26.59 16.97 -26.68
CA THR B 182 -25.61 17.91 -27.24
C THR B 182 -25.88 17.90 -28.74
N LEU B 183 -26.28 19.03 -29.28
CA LEU B 183 -26.57 19.15 -30.71
C LEU B 183 -25.95 20.45 -31.18
N SER B 184 -25.76 20.61 -32.48
CA SER B 184 -25.19 21.83 -33.07
C SER B 184 -26.23 22.93 -32.98
N LYS B 185 -25.77 24.17 -32.92
CA LYS B 185 -26.67 25.34 -32.92
C LYS B 185 -27.49 25.28 -34.19
N ALA B 186 -26.96 24.72 -35.27
CA ALA B 186 -27.67 24.63 -36.54
C ALA B 186 -28.85 23.68 -36.38
N ASP B 187 -28.62 22.48 -35.86
CA ASP B 187 -29.67 21.46 -35.69
C ASP B 187 -30.68 21.96 -34.68
N TYR B 188 -30.23 22.71 -33.69
CA TYR B 188 -31.12 23.27 -32.66
C TYR B 188 -32.07 24.29 -33.29
N GLU B 189 -31.61 25.10 -34.22
CA GLU B 189 -32.43 26.20 -34.80
C GLU B 189 -33.32 25.66 -35.94
N LYS B 190 -33.15 24.42 -36.37
CA LYS B 190 -33.93 23.80 -37.46
C LYS B 190 -35.03 22.87 -36.95
N HIS B 191 -35.21 22.75 -35.64
CA HIS B 191 -36.17 21.81 -35.03
C HIS B 191 -36.97 22.52 -33.95
N LYS B 192 -38.23 22.19 -33.73
CA LYS B 192 -39.10 22.90 -32.77
C LYS B 192 -39.30 22.14 -31.46
N VAL B 193 -39.80 20.93 -31.43
CA VAL B 193 -40.16 20.25 -30.16
C VAL B 193 -38.96 19.49 -29.62
N TYR B 194 -38.63 19.69 -28.36
CA TYR B 194 -37.52 18.99 -27.66
C TYR B 194 -38.14 18.28 -26.49
N ALA B 195 -37.94 16.99 -26.31
CA ALA B 195 -38.62 16.24 -25.26
C ALA B 195 -37.74 15.19 -24.58
N CYS B 196 -37.83 15.10 -23.25
CA CYS B 196 -37.11 13.97 -22.53
CA CYS B 196 -37.10 13.95 -22.53
C CYS B 196 -38.22 13.07 -21.85
N GLU B 197 -38.28 11.79 -22.21
CA GLU B 197 -39.26 10.83 -21.69
C GLU B 197 -38.60 9.97 -20.61
N VAL B 198 -39.14 9.98 -19.40
CA VAL B 198 -38.54 9.30 -18.25
C VAL B 198 -39.39 8.11 -17.82
N THR B 199 -38.78 6.93 -17.70
CA THR B 199 -39.51 5.76 -17.17
C THR B 199 -38.93 5.48 -15.79
N HIS B 200 -39.75 5.20 -14.77
CA HIS B 200 -39.31 5.00 -13.38
C HIS B 200 -40.37 4.12 -12.67
N GLN B 201 -39.95 3.22 -11.81
CA GLN B 201 -40.84 2.25 -11.14
C GLN B 201 -41.86 3.08 -10.34
N GLY B 202 -41.49 4.25 -9.81
CA GLY B 202 -42.44 5.09 -9.11
C GLY B 202 -43.52 5.73 -9.98
N LEU B 203 -43.60 5.37 -11.26
CA LEU B 203 -44.48 6.04 -12.23
C LEU B 203 -45.31 4.98 -12.93
N SER B 204 -46.63 5.15 -12.96
CA SER B 204 -47.47 4.17 -13.65
C SER B 204 -47.27 4.21 -15.16
N SER B 205 -46.99 5.38 -15.72
CA SER B 205 -46.65 5.50 -17.12
C SER B 205 -45.52 6.49 -17.29
N PRO B 206 -44.81 6.43 -18.42
CA PRO B 206 -43.68 7.34 -18.65
C PRO B 206 -44.06 8.82 -18.61
N VAL B 207 -43.24 9.59 -17.91
CA VAL B 207 -43.34 11.05 -17.86
C VAL B 207 -42.54 11.67 -18.99
N THR B 208 -43.16 12.62 -19.71
CA THR B 208 -42.49 13.40 -20.73
C THR B 208 -42.52 14.86 -20.31
N LYS B 209 -41.36 15.53 -20.39
CA LYS B 209 -41.25 16.98 -20.33
C LYS B 209 -40.73 17.47 -21.68
N SER B 210 -41.31 18.57 -22.15
CA SER B 210 -40.97 19.14 -23.45
C SER B 210 -40.96 20.65 -23.40
N PHE B 211 -40.24 21.21 -24.35
CA PHE B 211 -40.43 22.62 -24.68
C PHE B 211 -40.46 22.80 -26.19
N ASN B 212 -41.05 23.92 -26.64
CA ASN B 212 -41.03 24.38 -28.02
C ASN B 212 -39.99 25.49 -28.12
N ARG B 213 -38.99 25.34 -29.01
CA ARG B 213 -37.95 26.34 -29.16
C ARG B 213 -38.54 27.71 -29.45
N GLY B 214 -38.10 28.71 -28.69
CA GLY B 214 -38.58 30.09 -28.83
C GLY B 214 -39.91 30.43 -28.16
N GLU B 215 -40.81 29.48 -28.01
CA GLU B 215 -42.06 29.71 -27.27
C GLU B 215 -41.76 29.69 -25.77
N CYS B 216 -42.67 30.16 -24.91
CA CYS B 216 -42.55 30.21 -23.43
C CYS B 216 -41.37 31.07 -23.00
N ASP C 28 31.57 -14.68 -6.93
CA ASP C 28 32.87 -14.70 -7.58
C ASP C 28 33.93 -14.85 -6.48
N LYS C 29 33.85 -14.28 -5.25
CA LYS C 29 34.96 -14.41 -4.23
C LYS C 29 34.53 -15.29 -3.05
N GLY C 30 35.44 -15.91 -2.30
CA GLY C 30 35.08 -16.73 -1.13
C GLY C 30 34.96 -15.83 0.08
N LEU C 31 34.26 -16.18 1.17
CA LEU C 31 33.57 -17.48 1.44
C LEU C 31 32.41 -17.59 0.47
N GLN C 32 32.33 -18.66 -0.31
CA GLN C 32 31.33 -18.77 -1.38
C GLN C 32 29.97 -19.23 -0.87
N SER C 33 29.87 -19.80 0.31
CA SER C 33 28.59 -20.47 0.72
C SER C 33 28.53 -20.67 2.23
N LEU C 34 27.42 -20.33 2.85
CA LEU C 34 27.19 -20.40 4.32
C LEU C 34 25.99 -21.28 4.50
N THR C 35 26.09 -22.26 5.35
CA THR C 35 24.95 -23.08 5.69
C THR C 35 24.08 -22.32 6.67
N LEU C 36 22.79 -22.21 6.32
CA LEU C 36 21.85 -21.63 7.27
C LEU C 36 21.33 -22.72 8.20
N ASP C 37 21.61 -22.58 9.50
CA ASP C 37 21.27 -23.61 10.49
C ASP C 37 20.66 -22.94 11.72
N GLN C 38 21.39 -22.00 12.32
CA GLN C 38 20.84 -21.16 13.36
C GLN C 38 19.80 -20.19 12.81
N SER C 39 20.07 -19.63 11.63
CA SER C 39 19.28 -18.56 11.04
C SER C 39 17.88 -19.04 10.62
N VAL C 40 17.70 -20.33 10.31
CA VAL C 40 16.38 -20.90 10.00
C VAL C 40 16.27 -22.31 10.57
N ARG C 41 15.33 -22.51 11.49
CA ARG C 41 15.11 -23.75 12.23
C ARG C 41 14.21 -24.67 11.41
N LYS C 42 14.18 -25.95 11.78
CA LYS C 42 13.49 -26.90 10.92
C LYS C 42 12.01 -26.54 10.79
N ASN C 43 11.51 -26.66 9.55
CA ASN C 43 10.14 -26.35 9.13
C ASN C 43 9.78 -24.88 9.12
N GLU C 44 10.60 -24.05 9.74
CA GLU C 44 10.54 -22.63 9.43
C GLU C 44 10.94 -22.38 7.98
N LYS C 45 10.44 -21.24 7.47
CA LYS C 45 10.70 -20.71 6.15
C LYS C 45 11.30 -19.34 6.34
N LEU C 46 12.44 -19.09 5.71
CA LEU C 46 13.09 -17.80 5.79
C LEU C 46 13.13 -17.22 4.37
N LYS C 47 12.53 -16.07 4.20
CA LYS C 47 12.60 -15.36 2.95
C LYS C 47 13.49 -14.14 3.16
N LEU C 48 14.39 -13.94 2.21
CA LEU C 48 15.26 -12.78 2.10
C LEU C 48 14.86 -12.02 0.85
N ALA C 49 14.86 -10.68 0.95
CA ALA C 49 14.66 -9.80 -0.17
C ALA C 49 15.79 -8.79 -0.23
N ALA C 50 16.22 -8.48 -1.45
CA ALA C 50 17.13 -7.36 -1.72
C ALA C 50 16.85 -6.92 -3.15
N GLN C 51 16.66 -5.62 -3.34
CA GLN C 51 16.18 -5.03 -4.60
C GLN C 51 14.95 -5.83 -5.07
N GLY C 52 14.93 -6.30 -6.31
CA GLY C 52 13.86 -7.07 -6.90
C GLY C 52 14.01 -8.55 -6.73
N ALA C 53 14.98 -9.00 -5.94
CA ALA C 53 15.17 -10.41 -5.69
C ALA C 53 14.55 -10.83 -4.37
N GLU C 54 14.05 -12.05 -4.35
CA GLU C 54 13.53 -12.65 -3.14
C GLU C 54 13.86 -14.13 -3.19
N LYS C 55 14.47 -14.64 -2.13
CA LYS C 55 14.84 -16.03 -2.08
C LYS C 55 14.36 -16.65 -0.78
N THR C 56 13.98 -17.93 -0.89
CA THR C 56 13.43 -18.68 0.22
C THR C 56 14.39 -19.77 0.67
N TYR C 57 14.52 -19.94 1.98
CA TYR C 57 15.50 -20.85 2.55
C TYR C 57 14.84 -21.64 3.68
N GLY C 58 15.25 -22.91 3.80
CA GLY C 58 14.89 -23.74 4.92
C GLY C 58 16.16 -24.18 5.65
N ASN C 59 16.00 -24.75 6.83
CA ASN C 59 17.13 -25.24 7.64
C ASN C 59 18.10 -25.98 6.72
N GLY C 60 19.39 -25.84 6.96
CA GLY C 60 20.45 -26.50 6.18
C GLY C 60 20.68 -25.98 4.79
N ASP C 61 19.89 -25.02 4.32
CA ASP C 61 19.98 -24.66 2.89
C ASP C 61 21.24 -23.78 2.74
N SER C 62 21.85 -23.58 1.57
CA SER C 62 23.03 -22.64 1.46
C SER C 62 22.69 -21.21 1.06
N LEU C 63 23.21 -20.21 1.78
CA LEU C 63 23.19 -18.79 1.33
C LEU C 63 24.43 -18.56 0.44
N ASN C 64 24.31 -18.13 -0.79
CA ASN C 64 25.39 -17.79 -1.73
C ASN C 64 26.00 -16.46 -1.29
N THR C 65 27.08 -16.49 -0.46
CA THR C 65 27.85 -15.28 -0.01
C THR C 65 28.92 -14.94 -1.04
N GLY C 66 29.12 -15.78 -2.05
CA GLY C 66 30.12 -15.54 -3.10
C GLY C 66 29.99 -14.21 -3.81
N LYS C 67 28.79 -13.69 -4.01
CA LYS C 67 28.59 -12.44 -4.78
C LYS C 67 28.54 -11.21 -3.87
N LEU C 68 28.60 -11.39 -2.57
CA LEU C 68 28.51 -10.29 -1.58
C LEU C 68 29.87 -9.58 -1.41
N LYS C 69 29.89 -8.31 -0.98
CA LYS C 69 31.16 -7.54 -0.82
C LYS C 69 31.93 -8.08 0.39
N ASN C 70 33.22 -8.39 0.22
CA ASN C 70 34.04 -8.87 1.36
C ASN C 70 34.16 -7.71 2.35
N ASP C 71 34.32 -7.99 3.66
CA ASP C 71 34.70 -6.96 4.66
C ASP C 71 33.64 -5.89 4.80
N LYS C 72 32.39 -6.23 4.50
CA LYS C 72 31.27 -5.30 4.70
C LYS C 72 30.02 -6.04 5.15
N VAL C 73 29.11 -5.25 5.71
CA VAL C 73 27.79 -5.80 6.08
C VAL C 73 26.89 -5.82 4.83
N SER C 74 26.41 -6.99 4.36
CA SER C 74 25.38 -7.08 3.32
C SER C 74 24.00 -7.08 3.92
N ARG C 75 23.06 -6.39 3.29
CA ARG C 75 21.75 -6.15 3.88
C ARG C 75 20.65 -6.76 3.03
N PHE C 76 19.76 -7.50 3.73
CA PHE C 76 18.55 -8.09 3.19
C PHE C 76 17.35 -7.77 4.11
N ASP C 77 16.15 -7.73 3.55
CA ASP C 77 14.95 -7.79 4.35
C ASP C 77 14.56 -9.23 4.50
N PHE C 78 13.99 -9.56 5.63
CA PHE C 78 13.60 -10.93 5.86
C PHE C 78 12.22 -11.06 6.50
N ILE C 79 11.61 -12.21 6.26
CA ILE C 79 10.40 -12.59 6.98
C ILE C 79 10.52 -14.08 7.25
N ARG C 80 10.10 -14.49 8.46
CA ARG C 80 10.12 -15.89 8.88
C ARG C 80 8.69 -16.37 9.12
N GLN C 81 8.36 -17.52 8.55
CA GLN C 81 7.02 -18.09 8.52
C GLN C 81 7.06 -19.56 8.90
N ILE C 82 5.95 -20.06 9.42
CA ILE C 82 5.81 -21.49 9.74
C ILE C 82 4.34 -21.85 9.50
N GLU C 83 4.09 -23.15 9.26
CA GLU C 83 2.70 -23.65 9.18
C GLU C 83 2.21 -24.06 10.56
N VAL C 84 0.98 -23.64 10.88
CA VAL C 84 0.31 -23.92 12.14
C VAL C 84 -1.14 -24.25 11.82
N ASP C 85 -1.63 -25.39 12.30
CA ASP C 85 -3.02 -25.81 12.03
C ASP C 85 -3.34 -25.63 10.54
N GLY C 86 -2.37 -25.95 9.69
CA GLY C 86 -2.57 -25.98 8.25
C GLY C 86 -2.49 -24.65 7.52
N GLN C 87 -2.19 -23.53 8.21
CA GLN C 87 -2.00 -22.24 7.56
C GLN C 87 -0.62 -21.68 7.87
N LEU C 88 0.08 -21.20 6.83
CA LEU C 88 1.27 -20.38 6.99
C LEU C 88 0.97 -19.09 7.75
N ILE C 89 1.76 -18.83 8.79
CA ILE C 89 1.67 -17.63 9.61
C ILE C 89 3.06 -16.98 9.66
N THR C 90 3.14 -15.72 10.12
CA THR C 90 4.42 -14.97 10.25
C THR C 90 4.95 -15.17 11.65
N LEU C 91 6.26 -15.33 11.82
CA LEU C 91 6.84 -15.42 13.18
C LEU C 91 7.67 -14.17 13.45
N GLU C 92 8.24 -13.58 12.41
CA GLU C 92 9.20 -12.48 12.60
C GLU C 92 9.51 -11.80 11.26
N SER C 93 9.71 -10.49 11.28
CA SER C 93 10.15 -9.77 10.08
C SER C 93 11.20 -8.75 10.50
N GLY C 94 12.00 -8.31 9.55
CA GLY C 94 12.96 -7.25 9.83
C GLY C 94 14.09 -7.21 8.83
N GLU C 95 15.32 -7.04 9.27
CA GLU C 95 16.53 -6.97 8.46
C GLU C 95 17.49 -8.07 8.82
N PHE C 96 18.12 -8.63 7.77
CA PHE C 96 19.08 -9.72 7.84
C PHE C 96 20.40 -9.17 7.30
N GLN C 97 21.46 -9.39 8.08
CA GLN C 97 22.78 -8.84 7.83
C GLN C 97 23.74 -10.02 7.72
N VAL C 98 24.71 -9.87 6.82
CA VAL C 98 25.74 -10.89 6.54
C VAL C 98 27.05 -10.14 6.48
N TYR C 99 28.01 -10.54 7.29
CA TYR C 99 29.35 -10.01 7.19
C TYR C 99 30.22 -11.13 6.65
N LYS C 100 30.83 -10.89 5.49
CA LYS C 100 31.60 -11.89 4.77
C LYS C 100 33.09 -11.58 4.82
N GLN C 101 33.87 -12.61 5.13
CA GLN C 101 35.32 -12.62 5.02
C GLN C 101 35.71 -13.69 4.00
N SER C 102 37.03 -13.95 3.88
CA SER C 102 37.46 -14.89 2.85
C SER C 102 37.25 -16.35 3.25
N HIS C 103 37.29 -16.64 4.56
CA HIS C 103 37.24 -17.98 5.11
C HIS C 103 36.22 -18.07 6.24
N SER C 104 35.38 -17.02 6.39
CA SER C 104 34.43 -16.94 7.48
C SER C 104 33.31 -15.99 7.05
N ALA C 105 32.16 -16.15 7.68
CA ALA C 105 31.11 -15.15 7.57
C ALA C 105 30.16 -15.36 8.74
N LEU C 106 29.37 -14.33 9.02
CA LEU C 106 28.33 -14.49 10.04
C LEU C 106 27.08 -13.72 9.65
N THR C 107 25.98 -14.23 10.13
CA THR C 107 24.67 -13.63 9.89
C THR C 107 24.18 -13.02 11.19
N ALA C 108 23.26 -12.07 11.02
CA ALA C 108 22.63 -11.46 12.15
C ALA C 108 21.20 -10.99 11.76
N PHE C 109 20.34 -10.88 12.77
CA PHE C 109 18.95 -10.45 12.57
C PHE C 109 18.65 -9.20 13.39
N GLN C 110 18.13 -8.20 12.73
CA GLN C 110 17.44 -7.07 13.36
C GLN C 110 15.93 -7.31 13.22
N THR C 111 15.29 -7.72 14.32
CA THR C 111 13.85 -7.89 14.29
C THR C 111 13.16 -6.52 14.25
N GLU C 112 12.03 -6.45 13.54
CA GLU C 112 11.17 -5.29 13.64
C GLU C 112 9.79 -5.66 14.21
N GLN C 113 9.22 -6.80 13.84
CA GLN C 113 7.97 -7.31 14.41
C GLN C 113 8.19 -8.77 14.80
N ILE C 114 7.57 -9.25 15.87
CA ILE C 114 7.70 -10.66 16.35
C ILE C 114 6.34 -11.09 16.86
N GLN C 115 5.98 -12.36 16.72
CA GLN C 115 4.73 -12.89 17.30
C GLN C 115 4.53 -12.34 18.70
N ASP C 116 3.32 -11.94 19.04
CA ASP C 116 2.98 -11.24 20.31
C ASP C 116 3.47 -12.01 21.54
N SER C 117 3.15 -13.30 21.67
CA SER C 117 3.49 -14.02 22.92
C SER C 117 3.86 -15.46 22.59
N SER C 120 -0.60 -15.80 20.11
CA SER C 120 -1.95 -15.23 20.00
C SER C 120 -2.29 -14.92 18.54
N GLY C 121 -1.43 -15.32 17.61
CA GLY C 121 -1.70 -15.13 16.19
C GLY C 121 -1.66 -13.69 15.74
N LYS C 122 -0.74 -12.91 16.31
CA LYS C 122 -0.73 -11.46 16.16
C LYS C 122 0.71 -10.99 16.34
N MET C 123 1.15 -10.12 15.43
CA MET C 123 2.47 -9.52 15.51
C MET C 123 2.47 -8.32 16.45
N VAL C 124 3.66 -8.00 16.97
CA VAL C 124 3.84 -6.80 17.77
C VAL C 124 5.21 -6.22 17.43
N ALA C 125 5.31 -4.90 17.53
CA ALA C 125 6.56 -4.25 17.23
C ALA C 125 7.53 -4.57 18.35
N LYS C 126 8.74 -4.93 17.97
CA LYS C 126 9.80 -5.15 18.94
C LYS C 126 11.11 -5.17 18.18
N ARG C 127 12.06 -4.37 18.63
CA ARG C 127 13.36 -4.29 18.00
C ARG C 127 14.34 -5.01 18.88
N GLN C 128 14.90 -6.07 18.36
CA GLN C 128 16.01 -6.74 19.03
C GLN C 128 16.98 -7.28 18.00
N PHE C 129 18.19 -7.52 18.45
CA PHE C 129 19.30 -7.85 17.57
C PHE C 129 19.95 -9.12 18.09
N ARG C 130 20.30 -10.03 17.17
CA ARG C 130 20.94 -11.24 17.62
C ARG C 130 21.83 -11.74 16.49
N ILE C 131 22.81 -12.54 16.88
CA ILE C 131 23.72 -13.17 15.93
C ILE C 131 23.11 -14.48 15.48
N GLY C 132 23.14 -14.71 14.17
CA GLY C 132 22.65 -15.94 13.59
C GLY C 132 23.76 -16.96 13.46
N ASP C 133 24.10 -17.31 12.23
CA ASP C 133 25.12 -18.33 12.02
C ASP C 133 26.50 -17.70 12.02
N ILE C 134 27.47 -18.38 12.64
CA ILE C 134 28.89 -18.09 12.46
C ILE C 134 29.49 -19.27 11.71
N ALA C 135 30.05 -19.03 10.55
CA ALA C 135 30.55 -20.23 9.82
C ALA C 135 31.74 -19.93 8.99
N GLY C 136 32.32 -20.96 8.42
CA GLY C 136 33.43 -20.80 7.50
C GLY C 136 34.34 -22.04 7.55
N GLU C 137 35.54 -21.94 6.97
CA GLU C 137 36.54 -23.04 6.99
C GLU C 137 37.21 -23.05 8.36
N HIS C 138 36.58 -23.54 9.38
CA HIS C 138 37.16 -23.57 10.74
C HIS C 138 38.60 -24.07 10.77
N THR C 139 39.52 -23.36 11.43
CA THR C 139 40.91 -23.85 11.59
C THR C 139 40.89 -25.03 12.55
N SER C 140 41.67 -26.09 12.32
CA SER C 140 41.79 -27.17 13.29
C SER C 140 42.65 -26.75 14.48
N PHE C 141 42.22 -27.12 15.68
CA PHE C 141 42.99 -26.77 16.86
C PHE C 141 44.35 -27.46 16.82
N ASP C 142 44.40 -28.67 16.32
CA ASP C 142 45.65 -29.47 16.34
C ASP C 142 46.58 -29.02 15.22
N LYS C 143 46.14 -28.09 14.35
CA LYS C 143 46.92 -27.62 13.19
C LYS C 143 47.09 -26.11 13.27
N LEU C 144 46.97 -25.53 14.46
CA LEU C 144 47.19 -24.08 14.66
C LEU C 144 48.67 -23.78 14.50
N PRO C 145 49.06 -22.50 14.29
CA PRO C 145 50.48 -22.11 14.37
C PRO C 145 50.96 -22.44 15.78
N GLU C 146 52.13 -23.08 15.85
CA GLU C 146 52.65 -23.53 17.14
C GLU C 146 53.43 -22.36 17.75
N GLY C 147 53.69 -21.28 16.99
CA GLY C 147 54.37 -20.07 17.55
C GLY C 147 53.98 -18.77 16.82
N GLY C 148 54.45 -17.64 17.36
CA GLY C 148 54.20 -16.35 16.75
C GLY C 148 52.92 -15.67 17.23
N ARG C 149 52.78 -14.44 16.78
CA ARG C 149 51.76 -13.49 17.25
C ARG C 149 51.05 -13.03 16.00
N ALA C 150 49.72 -13.07 16.02
CA ALA C 150 48.91 -12.59 14.92
C ALA C 150 48.10 -11.41 15.43
N THR C 151 47.96 -10.35 14.63
CA THR C 151 47.06 -9.22 14.91
C THR C 151 45.94 -9.26 13.85
N TYR C 152 44.68 -9.34 14.27
CA TYR C 152 43.48 -9.37 13.40
C TYR C 152 42.84 -7.99 13.46
N ARG C 153 42.40 -7.43 12.36
CA ARG C 153 41.67 -6.14 12.34
C ARG C 153 40.39 -6.32 11.55
N GLY C 154 39.31 -5.80 12.06
CA GLY C 154 38.03 -6.03 11.41
C GLY C 154 36.91 -5.20 11.93
N THR C 155 35.71 -5.77 11.93
CA THR C 155 34.51 -5.02 12.28
C THR C 155 33.72 -5.60 13.42
N ALA C 156 33.23 -4.75 14.29
CA ALA C 156 32.22 -5.03 15.30
C ALA C 156 30.91 -4.34 14.90
N PHE C 157 29.80 -5.06 14.94
CA PHE C 157 28.54 -4.50 14.50
C PHE C 157 27.43 -4.97 15.44
N GLY C 158 26.61 -4.03 15.84
CA GLY C 158 25.43 -4.34 16.64
C GLY C 158 24.22 -3.66 16.04
N SER C 159 23.17 -3.62 16.84
CA SER C 159 21.92 -3.03 16.37
C SER C 159 22.16 -1.62 15.86
N ASP C 160 21.73 -1.36 14.61
CA ASP C 160 21.78 -0.04 13.95
C ASP C 160 23.19 0.54 13.88
N ASP C 161 24.23 -0.30 13.99
CA ASP C 161 25.61 0.21 14.06
C ASP C 161 26.55 -0.85 13.50
N ALA C 162 26.98 -0.64 12.25
CA ALA C 162 28.00 -1.47 11.61
C ALA C 162 29.38 -0.83 11.56
N GLY C 163 29.60 0.25 12.29
CA GLY C 163 30.78 1.07 12.18
C GLY C 163 31.87 0.78 13.19
N GLY C 164 31.66 -0.21 14.07
CA GLY C 164 32.65 -0.53 15.07
C GLY C 164 33.85 -1.24 14.49
N LYS C 165 34.93 -1.18 15.27
CA LYS C 165 36.23 -1.65 14.83
C LYS C 165 36.72 -2.64 15.86
N LEU C 166 37.05 -3.84 15.41
CA LEU C 166 37.59 -4.90 16.24
C LEU C 166 39.09 -5.02 15.95
N THR C 167 39.87 -5.00 17.01
CA THR C 167 41.26 -5.40 16.99
C THR C 167 41.41 -6.61 17.91
N TYR C 168 42.16 -7.60 17.48
CA TYR C 168 42.30 -8.80 18.27
C TYR C 168 43.71 -9.31 17.99
N THR C 169 44.31 -9.92 19.01
CA THR C 169 45.69 -10.41 18.93
C THR C 169 45.74 -11.80 19.53
N ILE C 170 46.33 -12.74 18.79
CA ILE C 170 46.49 -14.11 19.26
C ILE C 170 47.98 -14.38 19.38
N ASP C 171 48.41 -14.83 20.56
CA ASP C 171 49.78 -15.28 20.83
C ASP C 171 49.70 -16.80 20.74
N PHE C 172 50.14 -17.34 19.61
CA PHE C 172 50.01 -18.78 19.42
C PHE C 172 50.98 -19.54 20.31
N ALA C 173 52.06 -18.88 20.74
CA ALA C 173 52.96 -19.53 21.70
C ALA C 173 52.19 -19.86 22.98
N ALA C 174 51.49 -18.88 23.53
CA ALA C 174 50.68 -19.08 24.73
C ALA C 174 49.29 -19.62 24.43
N LYS C 175 48.83 -19.56 23.18
CA LYS C 175 47.42 -19.85 22.85
C LYS C 175 46.48 -19.04 23.75
N GLN C 176 46.75 -17.75 23.80
CA GLN C 176 45.85 -16.76 24.37
C GLN C 176 45.51 -15.75 23.31
N GLY C 177 44.36 -15.13 23.45
CA GLY C 177 43.93 -14.05 22.57
C GLY C 177 43.31 -12.98 23.42
N ASN C 178 43.43 -11.74 22.95
CA ASN C 178 42.72 -10.64 23.58
C ASN C 178 42.51 -9.54 22.56
N GLY C 179 41.55 -8.68 22.84
CA GLY C 179 41.31 -7.65 21.88
C GLY C 179 40.44 -6.58 22.40
N LYS C 180 39.86 -5.88 21.43
CA LYS C 180 38.89 -4.92 21.83
C LYS C 180 38.06 -4.33 20.72
N ILE C 181 36.95 -3.70 21.16
CA ILE C 181 35.98 -3.09 20.27
C ILE C 181 36.04 -1.59 20.47
N GLU C 182 36.10 -0.85 19.36
CA GLU C 182 36.11 0.60 19.43
C GLU C 182 35.13 1.19 18.43
N HIS C 183 34.67 2.41 18.71
CA HIS C 183 34.02 3.33 17.79
C HIS C 183 32.55 2.98 17.56
N LEU C 184 31.98 2.04 18.30
CA LEU C 184 30.54 1.88 18.24
C LEU C 184 29.88 3.14 18.81
N LYS C 185 28.71 3.47 18.28
CA LYS C 185 28.04 4.72 18.68
C LYS C 185 27.63 4.71 20.13
N SER C 186 27.31 3.53 20.65
CA SER C 186 26.95 3.35 22.04
C SER C 186 28.21 3.11 22.85
N PRO C 187 28.65 4.06 23.69
CA PRO C 187 29.97 3.91 24.30
C PRO C 187 30.13 2.70 25.21
N GLU C 188 29.06 2.23 25.86
CA GLU C 188 29.10 1.04 26.70
C GLU C 188 29.40 -0.24 25.90
N LEU C 189 29.42 -0.17 24.57
CA LEU C 189 29.71 -1.34 23.73
C LEU C 189 31.19 -1.44 23.37
N ASN C 190 31.97 -0.37 23.56
CA ASN C 190 33.38 -0.33 23.17
C ASN C 190 34.22 -0.97 24.27
N VAL C 191 34.08 -2.29 24.38
CA VAL C 191 34.60 -3.03 25.49
C VAL C 191 35.94 -3.66 25.14
N ASP C 192 36.61 -4.21 26.17
CA ASP C 192 37.80 -5.04 26.05
C ASP C 192 37.39 -6.51 26.05
N LEU C 193 38.01 -7.26 25.17
CA LEU C 193 37.87 -8.71 25.08
C LEU C 193 39.05 -9.32 25.84
N ALA C 194 38.77 -9.83 27.03
CA ALA C 194 39.83 -10.20 27.96
C ALA C 194 40.59 -11.43 27.49
N ALA C 195 41.86 -11.51 27.91
CA ALA C 195 42.69 -12.67 27.66
C ALA C 195 41.91 -13.94 27.94
N ALA C 196 41.96 -14.87 27.00
CA ALA C 196 41.25 -16.12 27.10
C ALA C 196 41.99 -17.16 26.28
N ASP C 197 41.74 -18.44 26.59
CA ASP C 197 42.49 -19.52 26.01
C ASP C 197 41.88 -19.99 24.70
N ILE C 198 42.74 -20.43 23.80
CA ILE C 198 42.29 -21.19 22.64
C ILE C 198 42.10 -22.63 23.12
N LYS C 199 40.89 -23.14 22.97
CA LYS C 199 40.58 -24.53 23.27
C LYS C 199 40.00 -25.21 22.04
N PRO C 200 39.98 -26.54 22.04
CA PRO C 200 39.21 -27.27 21.01
C PRO C 200 37.78 -27.50 21.49
N ASP C 201 36.82 -27.35 20.57
CA ASP C 201 35.45 -27.77 20.80
C ASP C 201 35.27 -29.20 20.24
N GLY C 202 34.05 -29.74 20.35
CA GLY C 202 33.80 -31.15 20.07
C GLY C 202 34.01 -31.56 18.63
N LYS C 203 34.27 -30.61 17.74
CA LYS C 203 34.63 -30.87 16.36
C LYS C 203 36.13 -30.68 16.13
N ARG C 204 36.91 -30.44 17.20
CA ARG C 204 38.36 -30.25 17.12
C ARG C 204 38.72 -28.94 16.42
N HIS C 205 37.80 -27.98 16.49
CA HIS C 205 38.01 -26.63 15.98
C HIS C 205 38.53 -25.71 17.09
N ALA C 206 39.39 -24.79 16.69
CA ALA C 206 39.95 -23.80 17.60
C ALA C 206 38.91 -22.74 17.89
N VAL C 207 38.58 -22.53 19.17
CA VAL C 207 37.65 -21.48 19.55
C VAL C 207 38.18 -20.80 20.80
N ILE C 208 37.75 -19.56 21.00
CA ILE C 208 38.08 -18.76 22.17
C ILE C 208 36.76 -18.33 22.83
N SER C 209 36.64 -18.58 24.13
CA SER C 209 35.56 -18.08 24.96
C SER C 209 36.20 -17.31 26.10
N GLY C 210 35.81 -16.06 26.27
CA GLY C 210 36.28 -15.28 27.38
C GLY C 210 35.36 -14.19 27.87
N SER C 211 35.94 -13.30 28.67
CA SER C 211 35.15 -12.29 29.35
C SER C 211 35.32 -10.94 28.69
N VAL C 212 34.30 -10.11 28.90
CA VAL C 212 34.29 -8.76 28.41
C VAL C 212 34.41 -7.82 29.61
N LEU C 213 35.24 -6.78 29.44
CA LEU C 213 35.49 -5.78 30.45
C LEU C 213 35.17 -4.39 29.88
N TYR C 214 34.56 -3.54 30.70
CA TYR C 214 34.37 -2.12 30.38
C TYR C 214 34.81 -1.34 31.61
N ASN C 215 35.87 -0.54 31.48
CA ASN C 215 36.35 0.25 32.60
C ASN C 215 36.72 -0.64 33.77
N GLN C 216 37.30 -1.82 33.51
CA GLN C 216 37.85 -2.76 34.54
C GLN C 216 36.76 -3.54 35.27
N ALA C 217 35.58 -3.71 34.69
CA ALA C 217 34.45 -4.43 35.32
C ALA C 217 33.97 -5.53 34.39
N GLU C 218 33.61 -6.70 34.91
CA GLU C 218 33.03 -7.76 34.07
C GLU C 218 31.71 -7.23 33.51
N LYS C 219 31.57 -7.20 32.18
CA LYS C 219 30.36 -6.65 31.51
C LYS C 219 30.00 -7.62 30.40
N GLY C 220 30.08 -8.92 30.64
CA GLY C 220 29.61 -9.93 29.70
C GLY C 220 30.64 -10.91 29.21
N SER C 221 30.54 -11.38 27.96
CA SER C 221 31.43 -12.40 27.46
C SER C 221 31.54 -12.28 25.95
N TYR C 222 32.54 -12.95 25.39
CA TYR C 222 32.68 -13.04 23.94
C TYR C 222 33.13 -14.45 23.54
N SER C 223 32.93 -14.74 22.26
CA SER C 223 33.27 -16.04 21.68
C SER C 223 33.82 -15.81 20.28
N LEU C 224 34.92 -16.46 19.95
CA LEU C 224 35.51 -16.34 18.63
C LEU C 224 35.89 -17.75 18.17
N GLY C 225 35.63 -18.05 16.93
CA GLY C 225 36.30 -19.15 16.28
C GLY C 225 37.41 -18.63 15.41
N ILE C 226 38.40 -19.47 15.15
CA ILE C 226 39.53 -19.15 14.29
C ILE C 226 39.28 -19.85 12.97
N PHE C 227 39.57 -19.18 11.85
CA PHE C 227 39.19 -19.69 10.52
C PHE C 227 40.34 -19.57 9.53
N GLY C 228 40.31 -20.42 8.51
CA GLY C 228 41.35 -20.45 7.50
C GLY C 228 42.44 -21.44 7.87
N GLY C 229 42.92 -22.22 6.90
CA GLY C 229 44.04 -23.13 7.11
C GLY C 229 45.20 -22.53 7.88
N LYS C 230 45.45 -21.23 7.75
CA LYS C 230 46.60 -20.50 8.39
C LYS C 230 46.11 -19.59 9.54
N ALA C 231 44.96 -19.85 10.15
CA ALA C 231 44.41 -18.96 11.21
C ALA C 231 44.32 -17.51 10.72
N GLN C 232 43.89 -17.32 9.49
CA GLN C 232 43.88 -15.97 8.89
C GLN C 232 42.79 -15.09 9.51
N GLU C 233 41.76 -15.73 10.05
CA GLU C 233 40.60 -14.92 10.48
C GLU C 233 39.97 -15.37 11.79
N VAL C 234 39.28 -14.45 12.45
CA VAL C 234 38.48 -14.74 13.62
C VAL C 234 37.06 -14.22 13.34
N ALA C 235 36.08 -14.90 13.91
CA ALA C 235 34.69 -14.50 13.76
C ALA C 235 33.90 -15.03 14.93
N GLY C 236 33.04 -14.19 15.46
CA GLY C 236 32.26 -14.62 16.59
C GLY C 236 31.29 -13.54 17.04
N SER C 237 31.11 -13.45 18.35
CA SER C 237 30.14 -12.52 18.88
C SER C 237 30.49 -12.22 20.32
N ALA C 238 29.93 -11.10 20.81
CA ALA C 238 30.03 -10.68 22.21
C ALA C 238 28.63 -10.41 22.76
N GLU C 239 28.42 -10.58 24.06
CA GLU C 239 27.15 -10.29 24.74
C GLU C 239 27.57 -9.30 25.81
N VAL C 240 27.14 -8.06 25.77
CA VAL C 240 27.62 -7.00 26.68
C VAL C 240 26.51 -6.56 27.62
N LYS C 241 26.73 -6.60 28.93
CA LYS C 241 25.78 -6.05 29.91
C LYS C 241 25.69 -4.54 29.75
N THR C 242 24.44 -4.05 29.67
CA THR C 242 24.19 -2.61 29.59
C THR C 242 22.99 -2.27 30.46
N VAL C 243 22.82 -0.97 30.76
CA VAL C 243 21.62 -0.55 31.51
C VAL C 243 20.33 -0.92 30.79
N ASN C 244 20.36 -1.04 29.45
CA ASN C 244 19.19 -1.36 28.65
C ASN C 244 18.96 -2.85 28.45
N GLY C 245 19.81 -3.69 29.04
CA GLY C 245 19.74 -5.12 28.85
C GLY C 245 20.96 -5.60 28.10
N ILE C 246 21.00 -6.92 27.85
CA ILE C 246 22.10 -7.55 27.13
C ILE C 246 22.07 -7.12 25.66
N ARG C 247 23.24 -6.83 25.12
CA ARG C 247 23.34 -6.31 23.76
C ARG C 247 24.39 -7.17 23.05
N HIS C 248 24.05 -7.51 21.84
CA HIS C 248 24.81 -8.46 21.04
C HIS C 248 25.63 -7.73 20.00
N ILE C 249 26.84 -8.25 19.76
CA ILE C 249 27.78 -7.63 18.84
C ILE C 249 28.39 -8.76 18.00
N GLY C 250 28.26 -8.64 16.69
CA GLY C 250 28.91 -9.55 15.76
C GLY C 250 30.35 -9.10 15.56
N LEU C 251 31.23 -10.05 15.41
CA LEU C 251 32.67 -9.79 15.40
C LEU C 251 33.33 -10.57 14.27
N ALA C 252 34.17 -9.89 13.48
CA ALA C 252 34.93 -10.56 12.42
C ALA C 252 36.17 -9.73 12.14
N ALA C 253 37.28 -10.42 11.94
CA ALA C 253 38.53 -9.72 11.66
C ALA C 253 39.44 -10.67 10.90
N LYS C 254 40.48 -10.08 10.31
CA LYS C 254 41.44 -10.83 9.50
C LYS C 254 42.85 -10.26 9.70
N GLN C 255 43.82 -11.10 9.40
CA GLN C 255 45.25 -10.65 9.37
C GLN C 255 45.52 -9.96 8.01
N LEU C 256 46.58 -9.15 7.93
CA LEU C 256 46.98 -8.55 6.63
C LEU C 256 47.45 -9.73 5.75
CL CL D . -30.23 8.49 -35.20
CL CL E . 17.43 -12.12 -2.00
#